data_7O1R
#
_entry.id   7O1R
#
_cell.length_a   71.726
_cell.length_b   71.726
_cell.length_c   153.704
_cell.angle_alpha   90.000
_cell.angle_beta   90.000
_cell.angle_gamma   90.000
#
_symmetry.space_group_name_H-M   'P 41 21 2'
#
loop_
_entity.id
_entity.type
_entity.pdbx_description
1 polymer Peroxygenase
2 non-polymer 'MAGNESIUM ION'
3 non-polymer 2-acetamido-2-deoxy-beta-D-glucopyranose
4 non-polymer 'PROTOPORPHYRIN IX CONTAINING FE'
5 non-polymer IMIDAZOLE
6 non-polymer 1,4-BUTANEDIOL
7 non-polymer DI(HYDROXYETHYL)ETHER
8 water water
#
_entity_poly.entity_id   1
_entity_poly.type   'polypeptide(L)'
_entity_poly.pdbx_seq_one_letter_code
;MKSLSFSLALGFGSTLVYSAPSPSSGWQAPGPNDVRAPCPMLNTLANHGFLPHDGKGITVNKTIDALGSALNIDANLSTL
LFGFAATTNPQPNATFFDLDHLSRHNILEHDASLSRQDSYFGPADVFNEAVFNQTKSFWTGDIIDVQMAANARIVRLLTS
NLTNPEYSLSDLGSAFSIGESAAYIGILGDKKSATVPKSWVEYLFENERLPYELGFKRPNDPFTTDDLGDLSTQIINAQH
FPQSPGKVEKRGDTRCPYGYH
;
_entity_poly.pdbx_strand_id   A
#
loop_
_chem_comp.id
_chem_comp.type
_chem_comp.name
_chem_comp.formula
BU1 non-polymer 1,4-BUTANEDIOL 'C4 H10 O2'
HEM non-polymer 'PROTOPORPHYRIN IX CONTAINING FE' 'C34 H32 Fe N4 O4'
IMD non-polymer IMIDAZOLE 'C3 H5 N2 1'
MG non-polymer 'MAGNESIUM ION' 'Mg 2'
NAG D-saccharide, beta linking 2-acetamido-2-deoxy-beta-D-glucopyranose 'C8 H15 N O6'
PEG non-polymer DI(HYDROXYETHYL)ETHER 'C4 H10 O3'
#
# COMPACT_ATOMS: atom_id res chain seq x y z
N SER A 25 16.09 -19.52 1.63
CA SER A 25 16.97 -18.42 1.47
C SER A 25 16.13 -17.25 0.95
N GLY A 26 16.31 -16.12 1.59
CA GLY A 26 15.85 -14.84 1.12
C GLY A 26 14.61 -14.33 1.77
N TRP A 27 13.96 -15.12 2.58
CA TRP A 27 12.66 -14.73 3.14
C TRP A 27 12.42 -15.49 4.44
N GLN A 28 11.98 -14.79 5.45
CA GLN A 28 11.57 -15.48 6.69
C GLN A 28 10.37 -14.76 7.28
N ALA A 29 9.41 -15.54 7.75
CA ALA A 29 8.20 -15.00 8.40
C ALA A 29 8.62 -14.20 9.63
N PRO A 30 7.80 -13.28 10.11
CA PRO A 30 8.07 -12.61 11.36
C PRO A 30 7.91 -13.60 12.52
N GLY A 31 8.69 -13.31 13.56
CA GLY A 31 8.69 -14.08 14.82
C GLY A 31 8.13 -13.25 15.95
N PRO A 32 8.04 -13.81 17.22
CA PRO A 32 7.17 -13.12 18.16
C PRO A 32 7.65 -11.71 18.58
N ASN A 33 8.92 -11.37 18.45
CA ASN A 33 9.40 -9.98 18.90
C ASN A 33 9.49 -9.02 17.67
N ASP A 34 9.13 -9.46 16.48
CA ASP A 34 9.15 -8.61 15.26
C ASP A 34 7.85 -7.82 15.17
N VAL A 35 7.93 -6.61 14.63
CA VAL A 35 6.71 -5.82 14.38
C VAL A 35 6.49 -5.64 12.88
N ARG A 36 5.23 -5.51 12.51
CA ARG A 36 4.79 -5.30 11.14
C ARG A 36 3.77 -4.17 11.10
N ALA A 37 3.51 -3.75 9.86
CA ALA A 37 2.73 -2.55 9.51
C ALA A 37 1.42 -2.99 8.87
N PRO A 38 0.55 -1.99 8.58
CA PRO A 38 -0.58 -2.26 7.67
C PRO A 38 -0.20 -2.23 6.19
N CYS A 39 1.04 -1.97 5.89
CA CYS A 39 1.59 -1.86 4.53
C CYS A 39 2.08 -3.22 4.04
N PRO A 40 1.43 -3.85 3.02
CA PRO A 40 1.88 -5.13 2.52
C PRO A 40 3.30 -5.05 2.03
N MET A 41 3.70 -3.94 1.43
CA MET A 41 5.02 -3.89 0.80
C MET A 41 6.11 -3.71 1.88
N LEU A 42 5.96 -2.81 2.81
CA LEU A 42 7.02 -2.69 3.84
C LEU A 42 7.13 -4.04 4.58
N ASN A 43 6.02 -4.68 4.85
CA ASN A 43 6.09 -5.98 5.53
C ASN A 43 6.89 -6.96 4.70
N THR A 44 6.63 -7.00 3.40
CA THR A 44 7.35 -7.86 2.45
C THR A 44 8.82 -7.54 2.53
N LEU A 45 9.20 -6.27 2.51
CA LEU A 45 10.60 -5.86 2.44
C LEU A 45 11.30 -6.26 3.78
N ALA A 46 10.61 -6.18 4.88
CA ALA A 46 11.15 -6.65 6.18
C ALA A 46 11.30 -8.17 6.14
N ASN A 47 10.32 -8.91 5.65
CA ASN A 47 10.42 -10.36 5.59
C ASN A 47 11.60 -10.82 4.76
N HIS A 48 11.94 -10.11 3.68
CA HIS A 48 13.07 -10.40 2.83
C HIS A 48 14.39 -9.93 3.46
N GLY A 49 14.34 -8.99 4.39
CA GLY A 49 15.56 -8.39 4.96
C GLY A 49 16.10 -7.18 4.20
N PHE A 50 15.30 -6.65 3.25
CA PHE A 50 15.67 -5.32 2.69
C PHE A 50 15.59 -4.23 3.76
N LEU A 51 14.49 -4.27 4.50
CA LEU A 51 14.33 -3.52 5.76
C LEU A 51 14.78 -4.44 6.91
N PRO A 52 15.07 -3.86 8.06
CA PRO A 52 15.40 -4.71 9.22
C PRO A 52 14.29 -5.72 9.48
N HIS A 53 14.65 -6.99 9.67
CA HIS A 53 13.63 -8.06 9.75
C HIS A 53 12.75 -7.90 10.98
N ASP A 54 13.23 -7.24 12.03
CA ASP A 54 12.39 -7.04 13.20
C ASP A 54 11.42 -5.85 13.02
N GLY A 55 11.51 -5.13 11.90
CA GLY A 55 10.63 -4.00 11.66
C GLY A 55 10.97 -2.75 12.42
N LYS A 56 12.10 -2.71 13.09
CA LYS A 56 12.37 -1.61 14.05
C LYS A 56 13.50 -0.70 13.57
N GLY A 57 13.46 0.55 13.99
CA GLY A 57 14.59 1.47 13.86
C GLY A 57 14.89 1.88 12.45
N ILE A 58 13.87 2.07 11.62
CA ILE A 58 14.07 2.40 10.19
C ILE A 58 14.35 3.89 10.07
N THR A 59 15.45 4.24 9.44
CA THR A 59 15.87 5.62 9.25
C THR A 59 15.65 5.98 7.78
N VAL A 60 15.91 7.25 7.45
CA VAL A 60 15.74 7.71 6.05
C VAL A 60 16.75 7.00 5.13
N ASN A 61 17.99 6.81 5.57
CA ASN A 61 18.98 6.18 4.66
C ASN A 61 18.58 4.72 4.49
N LYS A 62 18.13 4.04 5.53
CA LYS A 62 17.70 2.63 5.37
C LYS A 62 16.51 2.55 4.40
N THR A 63 15.58 3.52 4.49
CA THR A 63 14.40 3.52 3.60
C THR A 63 14.85 3.69 2.12
N ILE A 64 15.70 4.70 1.88
CA ILE A 64 16.22 4.96 0.54
C ILE A 64 16.89 3.71 -0.02
N ASP A 65 17.79 3.09 0.81
CA ASP A 65 18.56 1.96 0.28
C ASP A 65 17.65 0.74 0.08
N ALA A 66 16.74 0.44 1.02
CA ALA A 66 15.89 -0.73 0.90
C ALA A 66 14.94 -0.63 -0.32
N LEU A 67 14.27 0.51 -0.40
CA LEU A 67 13.28 0.64 -1.50
CA LEU A 67 13.29 0.74 -1.50
C LEU A 67 14.01 0.79 -2.83
N GLY A 68 15.18 1.36 -2.85
CA GLY A 68 15.99 1.40 -4.08
C GLY A 68 16.45 0.02 -4.48
N SER A 69 17.04 -0.72 -3.51
CA SER A 69 17.55 -2.06 -3.78
C SER A 69 16.44 -3.00 -4.28
N ALA A 70 15.34 -3.07 -3.56
CA ALA A 70 14.31 -4.06 -3.88
C ALA A 70 13.51 -3.70 -5.14
N LEU A 71 13.17 -2.41 -5.26
CA LEU A 71 12.05 -2.01 -6.17
C LEU A 71 12.47 -0.91 -7.13
N ASN A 72 13.62 -0.31 -6.97
CA ASN A 72 14.04 0.86 -7.78
C ASN A 72 13.13 2.03 -7.50
N ILE A 73 12.68 2.24 -6.29
CA ILE A 73 12.04 3.50 -5.85
CA ILE A 73 12.05 3.52 -5.92
C ILE A 73 13.13 4.57 -5.85
N ASP A 74 12.92 5.74 -6.43
N ASP A 74 12.85 5.74 -6.40
CA ASP A 74 14.00 6.73 -6.37
CA ASP A 74 13.69 6.94 -6.41
C ASP A 74 14.04 7.38 -5.00
C ASP A 74 14.00 7.39 -4.98
N ALA A 75 15.17 7.98 -4.73
CA ALA A 75 15.50 8.51 -3.41
C ALA A 75 14.50 9.55 -2.94
N ASN A 76 14.05 10.41 -3.88
CA ASN A 76 13.17 11.52 -3.46
C ASN A 76 11.81 10.95 -3.01
N LEU A 77 11.28 9.93 -3.70
CA LEU A 77 10.00 9.37 -3.27
C LEU A 77 10.19 8.64 -1.93
N SER A 78 11.30 7.91 -1.79
CA SER A 78 11.58 7.21 -0.52
C SER A 78 11.65 8.22 0.62
N THR A 79 12.27 9.37 0.37
CA THR A 79 12.44 10.42 1.40
C THR A 79 11.07 11.00 1.76
N LEU A 80 10.23 11.22 0.76
CA LEU A 80 8.87 11.76 1.01
C LEU A 80 8.10 10.78 1.88
N LEU A 81 8.06 9.51 1.51
CA LEU A 81 7.31 8.52 2.28
C LEU A 81 7.89 8.33 3.69
N PHE A 82 9.21 8.38 3.78
CA PHE A 82 9.87 8.33 5.12
C PHE A 82 9.34 9.45 6.01
N GLY A 83 9.27 10.66 5.43
CA GLY A 83 8.86 11.85 6.20
C GLY A 83 7.48 11.63 6.82
N PHE A 84 6.54 11.07 6.04
CA PHE A 84 5.20 10.73 6.56
C PHE A 84 5.32 9.65 7.62
N ALA A 85 6.10 8.59 7.35
CA ALA A 85 6.25 7.48 8.30
C ALA A 85 6.76 8.02 9.65
N ALA A 86 7.70 8.93 9.65
CA ALA A 86 8.30 9.43 10.90
C ALA A 86 7.25 10.14 11.76
N THR A 87 6.20 10.74 11.15
CA THR A 87 5.13 11.39 11.94
C THR A 87 4.31 10.40 12.76
N THR A 88 4.42 9.11 12.48
CA THR A 88 3.66 8.08 13.24
C THR A 88 4.44 7.66 14.48
N ASN A 89 5.72 7.98 14.58
CA ASN A 89 6.51 7.61 15.80
C ASN A 89 5.95 8.44 16.93
N PRO A 90 5.51 7.85 18.06
CA PRO A 90 5.02 8.67 19.19
C PRO A 90 6.10 9.62 19.77
N GLN A 91 7.40 9.40 19.51
CA GLN A 91 8.46 10.39 19.94
C GLN A 91 8.39 11.56 18.95
N PRO A 92 8.25 12.82 19.41
CA PRO A 92 8.17 13.95 18.49
C PRO A 92 9.46 14.16 17.69
N ASN A 93 9.35 14.64 16.44
CA ASN A 93 10.48 15.02 15.56
C ASN A 93 11.43 13.83 15.43
N ALA A 94 10.89 12.63 15.29
CA ALA A 94 11.72 11.42 15.31
C ALA A 94 12.49 11.31 14.00
N THR A 95 13.62 10.61 14.03
CA THR A 95 14.48 10.33 12.86
C THR A 95 14.40 8.84 12.50
N PHE A 96 13.43 8.13 13.07
CA PHE A 96 13.22 6.71 12.72
C PHE A 96 11.76 6.41 12.91
N PHE A 97 11.35 5.27 12.41
CA PHE A 97 10.06 4.67 12.81
C PHE A 97 10.23 3.16 12.87
N ASP A 98 9.30 2.58 13.57
CA ASP A 98 9.11 1.12 13.66
C ASP A 98 7.85 0.77 12.84
N LEU A 99 7.79 -0.39 12.23
CA LEU A 99 6.64 -0.72 11.37
C LEU A 99 5.32 -0.63 12.12
N ASP A 100 5.23 -0.98 13.39
CA ASP A 100 3.93 -0.92 14.06
C ASP A 100 3.52 0.52 14.36
N HIS A 101 4.43 1.46 14.34
CA HIS A 101 4.01 2.89 14.46
C HIS A 101 3.02 3.23 13.32
N LEU A 102 3.22 2.62 12.15
CA LEU A 102 2.40 2.92 10.98
C LEU A 102 0.96 2.46 11.21
N SER A 103 0.69 1.55 12.15
CA SER A 103 -0.66 1.03 12.43
C SER A 103 -1.51 2.02 13.20
N ARG A 104 -0.95 3.12 13.70
CA ARG A 104 -1.74 4.04 14.54
C ARG A 104 -2.90 4.63 13.71
N HIS A 105 -4.10 4.39 14.17
CA HIS A 105 -5.28 4.76 13.38
C HIS A 105 -5.31 6.27 13.16
N ASN A 106 -5.66 6.64 11.91
CA ASN A 106 -5.95 8.04 11.52
C ASN A 106 -4.71 8.92 11.54
N ILE A 107 -3.51 8.37 11.55
CA ILE A 107 -2.33 9.16 11.16
C ILE A 107 -2.11 8.92 9.68
N LEU A 108 -1.50 7.82 9.33
CA LEU A 108 -1.42 7.36 7.93
C LEU A 108 -2.46 6.25 7.74
N GLU A 109 -2.56 5.32 8.71
CA GLU A 109 -3.48 4.20 8.54
C GLU A 109 -4.90 4.78 8.44
N HIS A 110 -5.69 4.22 7.55
CA HIS A 110 -7.04 4.72 7.28
C HIS A 110 -8.03 3.60 7.04
N ASP A 111 -9.31 3.94 7.23
CA ASP A 111 -10.41 3.04 6.87
C ASP A 111 -10.43 2.77 5.35
N ALA A 112 -11.20 1.77 4.99
CA ALA A 112 -11.45 1.40 3.60
C ALA A 112 -10.19 0.92 2.92
N SER A 113 -9.34 0.23 3.67
CA SER A 113 -8.20 -0.49 3.14
C SER A 113 -8.67 -1.67 2.27
N LEU A 114 -7.81 -2.08 1.33
CA LEU A 114 -8.10 -3.15 0.39
C LEU A 114 -7.99 -4.54 1.01
N SER A 115 -7.18 -4.66 2.09
CA SER A 115 -6.87 -6.03 2.60
C SER A 115 -6.88 -6.06 4.14
N ARG A 116 -7.18 -4.95 4.77
CA ARG A 116 -7.31 -4.84 6.23
C ARG A 116 -8.69 -4.43 6.62
N GLN A 117 -9.20 -4.86 7.75
CA GLN A 117 -10.45 -4.31 8.30
C GLN A 117 -10.22 -2.92 8.87
N ASP A 118 -11.32 -2.15 8.92
CA ASP A 118 -11.32 -0.89 9.62
C ASP A 118 -11.07 -1.12 11.13
N SER A 119 -10.32 -0.21 11.73
CA SER A 119 -9.92 -0.22 13.17
CA SER A 119 -9.90 -0.35 13.15
C SER A 119 -11.13 -0.46 14.06
N TYR A 120 -12.27 0.10 13.69
CA TYR A 120 -13.48 -0.02 14.50
C TYR A 120 -13.82 -1.49 14.75
N PHE A 121 -13.68 -2.36 13.75
CA PHE A 121 -14.09 -3.78 13.84
C PHE A 121 -13.01 -4.63 14.55
N GLY A 122 -11.77 -4.32 14.26
CA GLY A 122 -10.67 -5.18 14.73
C GLY A 122 -9.36 -4.58 14.33
N PRO A 123 -8.23 -5.22 14.66
CA PRO A 123 -6.94 -4.68 14.34
C PRO A 123 -6.80 -4.44 12.84
N ALA A 124 -6.37 -3.21 12.54
CA ALA A 124 -6.28 -2.73 11.15
C ALA A 124 -4.89 -2.93 10.57
N ASP A 125 -4.03 -3.74 11.22
CA ASP A 125 -2.66 -3.95 10.69
C ASP A 125 -2.52 -5.25 9.88
N VAL A 126 -3.17 -6.32 10.29
CA VAL A 126 -2.98 -7.66 9.69
C VAL A 126 -3.91 -7.91 8.51
N PHE A 127 -3.46 -8.75 7.62
CA PHE A 127 -4.29 -9.20 6.50
C PHE A 127 -5.63 -9.71 6.97
N ASN A 128 -6.68 -9.38 6.22
CA ASN A 128 -8.05 -9.79 6.53
C ASN A 128 -8.64 -10.46 5.30
N GLU A 129 -8.95 -11.74 5.37
CA GLU A 129 -9.45 -12.52 4.22
CA GLU A 129 -9.44 -12.51 4.21
C GLU A 129 -10.79 -11.97 3.72
N ALA A 130 -11.70 -11.67 4.62
CA ALA A 130 -13.03 -11.18 4.21
C ALA A 130 -12.86 -9.90 3.39
N VAL A 131 -12.08 -8.98 3.85
CA VAL A 131 -11.89 -7.72 3.13
C VAL A 131 -11.18 -7.99 1.81
N PHE A 132 -10.10 -8.76 1.78
CA PHE A 132 -9.38 -8.98 0.54
C PHE A 132 -10.27 -9.72 -0.47
N ASN A 133 -11.14 -10.61 -0.03
CA ASN A 133 -12.08 -11.28 -0.95
C ASN A 133 -12.96 -10.24 -1.67
N GLN A 134 -13.34 -9.20 -0.98
CA GLN A 134 -14.16 -8.14 -1.61
C GLN A 134 -13.27 -7.50 -2.69
N THR A 135 -12.11 -7.00 -2.34
CA THR A 135 -11.20 -6.33 -3.32
C THR A 135 -11.02 -7.23 -4.53
N LYS A 136 -10.64 -8.48 -4.33
CA LYS A 136 -10.31 -9.39 -5.42
C LYS A 136 -11.49 -9.51 -6.39
N SER A 137 -12.68 -9.47 -5.88
CA SER A 137 -13.87 -9.64 -6.75
C SER A 137 -13.99 -8.50 -7.79
N PHE A 138 -13.33 -7.37 -7.56
CA PHE A 138 -13.33 -6.25 -8.54
C PHE A 138 -12.16 -6.31 -9.47
N TRP A 139 -11.24 -7.26 -9.28
CA TRP A 139 -10.14 -7.48 -10.21
C TRP A 139 -10.59 -8.57 -11.17
N THR A 140 -11.25 -8.16 -12.25
N THR A 140 -11.23 -8.12 -12.23
CA THR A 140 -12.06 -9.09 -13.08
CA THR A 140 -12.09 -8.95 -13.08
C THR A 140 -11.36 -9.71 -14.26
C THR A 140 -11.34 -9.69 -14.18
N GLY A 141 -10.09 -9.43 -14.47
CA GLY A 141 -9.30 -10.17 -15.45
C GLY A 141 -8.00 -10.68 -14.82
N ASP A 142 -7.22 -11.39 -15.63
CA ASP A 142 -5.86 -11.82 -15.25
C ASP A 142 -4.88 -10.67 -15.16
N ILE A 143 -5.15 -9.55 -15.77
CA ILE A 143 -4.34 -8.34 -15.75
C ILE A 143 -5.15 -7.26 -15.10
N ILE A 144 -4.67 -6.69 -14.03
CA ILE A 144 -5.33 -5.53 -13.38
C ILE A 144 -4.92 -4.29 -14.15
N ASP A 145 -5.94 -3.53 -14.56
CA ASP A 145 -5.72 -2.20 -15.15
C ASP A 145 -6.16 -1.10 -14.18
N VAL A 146 -5.97 0.16 -14.60
CA VAL A 146 -6.36 1.30 -13.74
C VAL A 146 -7.86 1.21 -13.44
N GLN A 147 -8.69 0.84 -14.44
CA GLN A 147 -10.12 0.82 -14.19
C GLN A 147 -10.46 -0.14 -13.03
N MET A 148 -9.91 -1.35 -13.13
CA MET A 148 -10.18 -2.34 -12.06
C MET A 148 -9.69 -1.84 -10.67
N ALA A 149 -8.50 -1.29 -10.65
CA ALA A 149 -7.95 -0.78 -9.38
C ALA A 149 -8.82 0.32 -8.82
N ALA A 150 -9.29 1.26 -9.69
CA ALA A 150 -10.15 2.34 -9.22
C ALA A 150 -11.47 1.77 -8.69
N ASN A 151 -12.01 0.81 -9.43
CA ASN A 151 -13.28 0.20 -9.07
C ASN A 151 -13.22 -0.45 -7.67
N ALA A 152 -12.16 -1.19 -7.45
CA ALA A 152 -11.99 -1.92 -6.16
C ALA A 152 -11.94 -0.93 -5.01
N ARG A 153 -11.15 0.10 -5.18
CA ARG A 153 -10.96 1.12 -4.11
C ARG A 153 -12.30 1.75 -3.81
N ILE A 154 -13.04 2.13 -4.87
CA ILE A 154 -14.36 2.77 -4.69
C ILE A 154 -15.28 1.88 -3.84
N VAL A 155 -15.37 0.60 -4.18
CA VAL A 155 -16.32 -0.27 -3.45
C VAL A 155 -15.93 -0.32 -1.95
N ARG A 156 -14.64 -0.29 -1.68
CA ARG A 156 -14.19 -0.31 -0.26
C ARG A 156 -14.62 0.95 0.48
N LEU A 157 -14.42 2.12 -0.16
CA LEU A 157 -14.85 3.39 0.47
C LEU A 157 -16.34 3.32 0.81
N LEU A 158 -17.17 2.92 -0.18
CA LEU A 158 -18.62 2.99 0.04
C LEU A 158 -19.05 1.94 1.08
N THR A 159 -18.41 0.77 1.02
CA THR A 159 -18.76 -0.31 1.95
C THR A 159 -18.43 0.11 3.41
N SER A 160 -17.24 0.65 3.61
CA SER A 160 -16.88 1.13 4.95
C SER A 160 -17.83 2.24 5.40
N ASN A 161 -18.17 3.19 4.53
CA ASN A 161 -19.07 4.26 4.99
C ASN A 161 -20.42 3.64 5.44
N LEU A 162 -20.93 2.66 4.70
CA LEU A 162 -22.23 2.10 4.99
C LEU A 162 -22.23 1.04 6.11
N THR A 163 -21.07 0.61 6.56
CA THR A 163 -21.02 -0.44 7.61
C THR A 163 -20.29 -0.04 8.89
N ASN A 164 -19.53 1.01 8.89
CA ASN A 164 -18.69 1.43 10.03
C ASN A 164 -19.23 2.74 10.56
N PRO A 165 -19.93 2.75 11.69
CA PRO A 165 -20.48 3.97 12.22
C PRO A 165 -19.43 5.02 12.60
N GLU A 166 -18.17 4.60 12.67
CA GLU A 166 -17.04 5.51 12.97
C GLU A 166 -16.20 5.78 11.73
N TYR A 167 -16.71 5.45 10.54
CA TYR A 167 -15.94 5.66 9.32
C TYR A 167 -15.47 7.11 9.23
N SER A 168 -14.23 7.26 8.87
CA SER A 168 -13.61 8.57 8.61
C SER A 168 -12.55 8.44 7.54
N LEU A 169 -12.28 9.52 6.85
CA LEU A 169 -11.18 9.52 5.89
C LEU A 169 -10.68 10.94 5.83
N SER A 170 -9.47 11.18 6.35
CA SER A 170 -8.88 12.52 6.37
C SER A 170 -8.39 12.85 4.96
N ASP A 171 -8.05 14.11 4.79
CA ASP A 171 -7.47 14.50 3.47
C ASP A 171 -6.20 13.67 3.19
N LEU A 172 -5.34 13.54 4.22
CA LEU A 172 -4.12 12.75 4.04
C LEU A 172 -4.47 11.28 3.78
N GLY A 173 -5.45 10.73 4.50
CA GLY A 173 -5.85 9.35 4.31
C GLY A 173 -6.36 9.12 2.89
N SER A 174 -7.16 10.07 2.37
CA SER A 174 -7.66 9.92 0.99
C SER A 174 -6.50 9.94 -0.02
N ALA A 175 -5.55 10.87 0.17
CA ALA A 175 -4.37 10.91 -0.71
C ALA A 175 -3.58 9.58 -0.66
N PHE A 176 -3.43 9.07 0.56
CA PHE A 176 -2.72 7.79 0.75
C PHE A 176 -3.50 6.67 0.06
N SER A 177 -4.82 6.60 0.29
CA SER A 177 -5.61 5.55 -0.37
C SER A 177 -5.45 5.54 -1.88
N ILE A 178 -5.55 6.71 -2.48
CA ILE A 178 -5.42 6.79 -3.96
C ILE A 178 -4.00 6.33 -4.37
N GLY A 179 -2.98 6.82 -3.64
CA GLY A 179 -1.61 6.49 -4.00
C GLY A 179 -1.26 5.02 -3.75
N GLU A 180 -1.94 4.36 -2.80
CA GLU A 180 -1.67 2.89 -2.56
C GLU A 180 -2.10 2.07 -3.77
N SER A 181 -3.24 2.43 -4.38
CA SER A 181 -3.68 1.70 -5.57
C SER A 181 -2.76 2.05 -6.75
N ALA A 182 -2.35 3.30 -6.88
CA ALA A 182 -1.37 3.64 -7.90
C ALA A 182 -0.07 2.86 -7.72
N ALA A 183 0.33 2.68 -6.45
CA ALA A 183 1.61 2.02 -6.11
C ALA A 183 1.61 0.55 -6.55
N TYR A 184 0.58 -0.22 -6.26
CA TYR A 184 0.66 -1.65 -6.60
C TYR A 184 0.73 -1.82 -8.11
N ILE A 185 0.03 -0.93 -8.86
CA ILE A 185 0.15 -1.02 -10.33
C ILE A 185 1.57 -0.63 -10.76
N GLY A 186 2.03 0.56 -10.34
CA GLY A 186 3.24 1.09 -10.96
C GLY A 186 4.55 0.51 -10.44
N ILE A 187 4.53 -0.02 -9.22
CA ILE A 187 5.76 -0.52 -8.56
C ILE A 187 5.87 -2.02 -8.80
N LEU A 188 4.78 -2.76 -8.66
CA LEU A 188 4.81 -4.22 -8.96
C LEU A 188 4.66 -4.49 -10.46
N GLY A 189 3.99 -3.62 -11.21
CA GLY A 189 3.69 -3.86 -12.62
C GLY A 189 4.38 -2.89 -13.55
N ASP A 190 3.68 -2.52 -14.61
CA ASP A 190 4.21 -1.67 -15.71
C ASP A 190 3.56 -0.30 -15.60
N LYS A 191 4.31 0.71 -15.18
CA LYS A 191 3.74 2.07 -14.99
C LYS A 191 3.33 2.67 -16.33
N LYS A 192 3.88 2.22 -17.44
CA LYS A 192 3.62 2.89 -18.76
C LYS A 192 2.30 2.39 -19.33
N SER A 193 2.08 1.07 -19.32
CA SER A 193 0.75 0.53 -19.69
C SER A 193 -0.22 0.71 -18.53
N ALA A 194 0.30 0.98 -17.30
CA ALA A 194 -0.54 1.07 -16.09
C ALA A 194 -1.33 -0.23 -15.91
N THR A 195 -0.61 -1.35 -15.91
CA THR A 195 -1.20 -2.67 -15.70
C THR A 195 -0.26 -3.53 -14.83
N VAL A 196 -0.86 -4.50 -14.16
CA VAL A 196 -0.08 -5.47 -13.36
C VAL A 196 -0.79 -6.80 -13.36
N PRO A 197 -0.05 -7.94 -13.43
CA PRO A 197 -0.73 -9.21 -13.35
C PRO A 197 -1.46 -9.39 -12.03
N LYS A 198 -2.70 -9.85 -12.07
CA LYS A 198 -3.47 -10.05 -10.86
C LYS A 198 -2.75 -11.02 -9.89
N SER A 199 -2.17 -12.08 -10.43
CA SER A 199 -1.57 -13.09 -9.57
C SER A 199 -0.43 -12.48 -8.75
N TRP A 200 0.29 -11.50 -9.30
CA TRP A 200 1.42 -10.89 -8.60
C TRP A 200 0.91 -10.12 -7.43
N VAL A 201 -0.15 -9.34 -7.62
CA VAL A 201 -0.69 -8.50 -6.53
C VAL A 201 -1.30 -9.39 -5.45
N GLU A 202 -2.05 -10.41 -5.83
N GLU A 202 -2.05 -10.41 -5.83
N GLU A 202 -2.05 -10.38 -5.85
CA GLU A 202 -2.65 -11.30 -4.82
CA GLU A 202 -2.65 -11.30 -4.82
CA GLU A 202 -2.62 -11.37 -4.88
C GLU A 202 -1.53 -12.05 -4.06
C GLU A 202 -1.53 -12.05 -4.06
C GLU A 202 -1.48 -12.00 -4.05
N TYR A 203 -0.42 -12.39 -4.71
CA TYR A 203 0.70 -13.06 -4.05
C TYR A 203 1.32 -12.13 -3.03
N LEU A 204 1.58 -10.89 -3.37
CA LEU A 204 2.16 -9.92 -2.44
C LEU A 204 1.29 -9.80 -1.19
N PHE A 205 0.00 -9.58 -1.36
CA PHE A 205 -0.88 -9.41 -0.21
C PHE A 205 -0.96 -10.70 0.63
N GLU A 206 -1.13 -11.82 -0.03
CA GLU A 206 -1.46 -13.06 0.68
C GLU A 206 -0.20 -13.68 1.32
N ASN A 207 0.99 -13.37 0.83
CA ASN A 207 2.22 -13.98 1.37
C ASN A 207 3.14 -12.97 2.00
N GLU A 208 3.03 -11.69 1.69
CA GLU A 208 4.05 -10.68 2.06
C GLU A 208 5.43 -11.17 1.68
N ARG A 209 5.54 -11.55 0.43
CA ARG A 209 6.73 -12.02 -0.25
C ARG A 209 6.64 -11.48 -1.69
N LEU A 210 7.77 -11.13 -2.27
CA LEU A 210 7.75 -10.63 -3.67
C LEU A 210 7.54 -11.79 -4.59
N PRO A 211 6.71 -11.58 -5.65
CA PRO A 211 6.33 -12.70 -6.53
C PRO A 211 7.33 -12.96 -7.66
N TYR A 212 8.60 -13.09 -7.32
CA TYR A 212 9.66 -13.33 -8.30
C TYR A 212 9.33 -14.57 -9.14
N GLU A 213 8.87 -15.66 -8.50
CA GLU A 213 8.63 -16.93 -9.19
C GLU A 213 7.47 -16.86 -10.18
N LEU A 214 6.57 -15.91 -9.98
CA LEU A 214 5.46 -15.70 -10.95
C LEU A 214 5.90 -14.79 -12.10
N GLY A 215 7.08 -14.20 -11.99
CA GLY A 215 7.63 -13.38 -13.07
C GLY A 215 8.02 -11.98 -12.68
N PHE A 216 7.74 -11.52 -11.47
CA PHE A 216 8.17 -10.20 -11.05
C PHE A 216 9.69 -10.09 -11.14
N LYS A 217 10.17 -8.96 -11.61
CA LYS A 217 11.56 -8.59 -11.71
C LYS A 217 11.69 -7.11 -11.35
N ARG A 218 12.69 -6.76 -10.60
CA ARG A 218 12.95 -5.37 -10.25
C ARG A 218 13.08 -4.55 -11.53
N PRO A 219 12.32 -3.43 -11.65
CA PRO A 219 12.42 -2.62 -12.89
C PRO A 219 13.76 -1.89 -13.05
N ASN A 220 14.22 -1.69 -14.31
CA ASN A 220 15.48 -0.91 -14.58
C ASN A 220 15.27 0.57 -14.49
N ASP A 221 14.06 1.05 -14.67
CA ASP A 221 13.80 2.51 -14.59
C ASP A 221 13.36 2.85 -13.17
N PRO A 222 13.88 3.90 -12.55
CA PRO A 222 13.38 4.24 -11.24
C PRO A 222 11.91 4.67 -11.25
N PHE A 223 11.24 4.42 -10.16
CA PHE A 223 9.87 4.82 -9.89
C PHE A 223 9.88 6.08 -9.07
N THR A 224 9.32 7.15 -9.64
CA THR A 224 9.43 8.49 -9.10
C THR A 224 8.13 9.05 -8.50
N THR A 225 8.28 10.17 -7.79
CA THR A 225 7.14 10.89 -7.24
C THR A 225 6.20 11.26 -8.41
N ASP A 226 6.75 11.72 -9.52
CA ASP A 226 5.89 12.10 -10.66
C ASP A 226 5.19 10.88 -11.23
N ASP A 227 5.85 9.70 -11.26
CA ASP A 227 5.18 8.46 -11.71
C ASP A 227 3.95 8.19 -10.81
N LEU A 228 4.12 8.26 -9.47
CA LEU A 228 3.04 7.97 -8.54
C LEU A 228 1.91 9.00 -8.78
N GLY A 229 2.27 10.26 -8.94
CA GLY A 229 1.23 11.30 -9.14
C GLY A 229 0.45 11.01 -10.43
N ASP A 230 1.14 10.65 -11.52
CA ASP A 230 0.50 10.35 -12.82
C ASP A 230 -0.47 9.21 -12.70
N LEU A 231 -0.07 8.12 -12.02
CA LEU A 231 -0.98 6.98 -11.87
C LEU A 231 -2.14 7.36 -10.94
N SER A 232 -1.91 8.20 -9.91
CA SER A 232 -2.97 8.62 -8.99
C SER A 232 -4.02 9.40 -9.81
N THR A 233 -3.56 10.27 -10.71
CA THR A 233 -4.47 11.07 -11.56
C THR A 233 -5.27 10.09 -12.42
N GLN A 234 -4.63 9.09 -12.98
CA GLN A 234 -5.33 8.06 -13.78
C GLN A 234 -6.41 7.36 -12.97
N ILE A 235 -6.14 6.97 -11.72
CA ILE A 235 -7.12 6.36 -10.80
CA ILE A 235 -7.17 6.31 -10.91
C ILE A 235 -8.35 7.27 -10.74
N ILE A 236 -8.11 8.52 -10.39
CA ILE A 236 -9.24 9.45 -10.20
C ILE A 236 -10.01 9.60 -11.51
N ASN A 237 -9.32 9.68 -12.60
CA ASN A 237 -9.98 9.86 -13.92
C ASN A 237 -10.82 8.64 -14.30
N ALA A 238 -10.55 7.45 -13.70
CA ALA A 238 -11.32 6.24 -13.96
C ALA A 238 -12.55 6.14 -13.03
N GLN A 239 -12.78 7.14 -12.18
CA GLN A 239 -13.97 7.14 -11.32
C GLN A 239 -15.13 7.88 -12.03
N HIS A 240 -16.26 7.22 -12.14
CA HIS A 240 -17.41 7.75 -12.88
C HIS A 240 -18.66 7.83 -12.03
N PHE A 241 -18.63 8.45 -10.91
CA PHE A 241 -19.86 8.62 -10.12
C PHE A 241 -20.76 9.66 -10.81
N PRO A 242 -22.10 9.47 -10.76
CA PRO A 242 -23.00 10.54 -11.17
C PRO A 242 -22.89 11.76 -10.25
N GLN A 243 -22.61 11.49 -8.98
CA GLN A 243 -22.45 12.44 -7.91
C GLN A 243 -21.49 11.74 -6.89
N SER A 244 -20.47 12.43 -6.41
CA SER A 244 -19.47 11.79 -5.53
C SER A 244 -20.14 11.57 -4.18
N PRO A 245 -20.11 10.34 -3.64
CA PRO A 245 -20.67 10.06 -2.33
C PRO A 245 -19.60 10.11 -1.22
N GLY A 246 -19.24 11.28 -0.88
CA GLY A 246 -18.24 11.56 0.15
C GLY A 246 -16.83 11.66 -0.40
N LYS A 247 -15.86 11.38 0.49
CA LYS A 247 -14.46 11.70 0.14
C LYS A 247 -13.85 10.61 -0.73
N VAL A 248 -13.98 10.78 -2.05
CA VAL A 248 -13.60 9.81 -3.07
C VAL A 248 -12.50 10.36 -3.95
N GLU A 249 -12.15 11.65 -3.84
CA GLU A 249 -11.18 12.21 -4.82
C GLU A 249 -10.27 13.24 -4.19
N LYS A 250 -10.26 13.36 -2.88
CA LYS A 250 -9.35 14.37 -2.23
C LYS A 250 -7.87 13.93 -2.34
N ARG A 251 -7.02 14.80 -2.97
CA ARG A 251 -5.54 14.69 -2.84
C ARG A 251 -5.07 15.94 -1.99
MG MG B . -6.46 0.80 7.00
C1 NAG C . -19.91 8.97 4.12
C2 NAG C . -18.98 10.13 3.79
C3 NAG C . -19.67 11.45 4.03
C4 NAG C . -20.99 11.54 3.26
C5 NAG C . -21.87 10.37 3.59
C6 NAG C . -23.17 10.29 2.77
C7 NAG C . -16.54 10.07 4.12
C8 NAG C . -15.43 10.14 5.15
N2 NAG C . -17.79 10.09 4.63
O3 NAG C . -18.82 12.51 3.61
O4 NAG C . -21.66 12.72 3.66
O5 NAG C . -21.11 9.12 3.38
O6 NAG C . -24.02 9.45 3.74
O7 NAG C . -16.33 9.99 2.90
CHA HEM D . -0.73 0.61 2.61
CHB HEM D . 2.88 3.27 4.41
CHC HEM D . 5.73 1.96 0.73
CHD HEM D . 1.94 -0.37 -1.28
C1A HEM D . 0.03 1.37 3.48
C2A HEM D . -0.40 1.85 4.76
C3A HEM D . 0.62 2.63 5.25
C4A HEM D . 1.70 2.57 4.28
CMA HEM D . 0.65 3.37 6.56
CAA HEM D . -1.71 1.56 5.42
CBA HEM D . -2.86 2.46 4.85
CGA HEM D . -4.15 1.75 5.08
O1A HEM D . -4.50 0.89 4.20
O2A HEM D . -4.85 1.93 6.11
C1B HEM D . 3.94 3.15 3.49
C2B HEM D . 5.23 3.78 3.71
C3B HEM D . 6.02 3.42 2.70
C4B HEM D . 5.24 2.53 1.82
CMB HEM D . 5.58 4.72 4.84
CAB HEM D . 7.42 3.72 2.38
CBB HEM D . 8.30 4.20 3.34
C1C HEM D . 4.95 1.18 -0.12
C2C HEM D . 5.36 0.68 -1.40
C3C HEM D . 4.32 0.00 -1.95
C4C HEM D . 3.21 0.11 -1.05
CMC HEM D . 6.74 0.88 -1.95
CAC HEM D . 4.39 -0.65 -3.25
CBC HEM D . 3.65 -1.59 -3.79
C1D HEM D . 0.86 -0.24 -0.37
C2D HEM D . -0.45 -0.78 -0.64
C3D HEM D . -1.22 -0.50 0.44
C4D HEM D . -0.30 0.20 1.38
CMD HEM D . -0.87 -1.41 -1.90
CAD HEM D . -2.65 -0.75 0.71
CBD HEM D . -3.00 -1.91 1.68
CGD HEM D . -4.46 -2.39 1.99
O1D HEM D . -4.93 -3.22 2.41
O2D HEM D . -5.20 -1.28 1.47
NA HEM D . 1.31 1.78 3.22
NB HEM D . 4.01 2.45 2.37
NC HEM D . 3.62 0.85 0.07
ND HEM D . 0.94 0.36 0.85
FE HEM D . 2.52 1.22 1.71
N1 IMD E . 1.97 3.07 0.53
C2 IMD E . 2.23 3.45 -0.79
N3 IMD E . 1.66 4.64 -1.04
C4 IMD E . 1.38 5.20 0.16
C5 IMD E . 1.54 4.26 1.12
C1 NAG F . -12.85 -15.81 0.97
C2 NAG F . -13.77 -16.42 2.05
C3 NAG F . -13.45 -17.94 2.20
C4 NAG F . -13.45 -18.65 0.85
C5 NAG F . -12.50 -17.87 -0.13
C6 NAG F . -12.28 -18.31 -1.56
C7 NAG F . -14.61 -14.96 3.81
C8 NAG F . -14.33 -14.60 5.26
N2 NAG F . -13.67 -15.77 3.32
O3 NAG F . -14.34 -18.59 3.10
O4 NAG F . -12.99 -19.97 0.96
O5 NAG F . -13.04 -16.56 -0.24
O6 NAG F . -13.60 -18.56 -2.02
O7 NAG F . -15.59 -14.66 3.14
C1 BU1 G . 6.15 -6.10 -16.86
C2 BU1 G . 4.89 -6.46 -16.05
C3 BU1 G . 3.64 -6.80 -16.85
C4 BU1 G . 2.51 -5.81 -16.57
O5 BU1 G . 6.56 -4.87 -16.31
O6 BU1 G . 1.18 -6.42 -16.98
C1 PEG H . 3.14 -13.53 6.56
O1 PEG H . 3.40 -14.79 7.10
C2 PEG H . 2.00 -13.62 5.67
O2 PEG H . 1.15 -12.51 5.85
C3 PEG H . -0.05 -12.60 5.05
C4 PEG H . -1.17 -13.03 5.96
O4 PEG H . -2.02 -13.99 5.39
N1 IMD I . -17.53 14.88 0.04
C2 IMD I . -18.25 15.13 1.16
N3 IMD I . -19.57 14.82 0.82
C4 IMD I . -19.70 14.67 -0.55
C5 IMD I . -18.45 14.77 -1.05
C1 PEG J . 7.34 14.14 3.81
C2 PEG J . 6.95 15.18 4.84
O2 PEG J . 5.93 14.74 5.75
C3 PEG J . 5.51 15.70 6.72
#